data_9FJ0
#
_entry.id   9FJ0
#
_cell.length_a   281.052
_cell.length_b   281.052
_cell.length_c   281.052
_cell.angle_alpha   90.000
_cell.angle_beta   90.000
_cell.angle_gamma   90.000
#
_symmetry.space_group_name_H-M   'F 4 3 2'
#
loop_
_entity.id
_entity.type
_entity.pdbx_description
1 polymer 'Envelope phospholipase OPG057'
2 non-polymer GLYCEROL
#
_entity_poly.entity_id   1
_entity_poly.type   'polypeptide(L)'
_entity_poly.pdbx_seq_one_letter_code
;HHHHHHHHGSGSVPAGAKCRLVETLPENMDFRSDHLTTFECFNEIITLAKKYIYIASFCCNPLSTTRGALIFDKLKEASE
KGIKIIVLLDERGKRNLGELQSHCPDINFITVNIDKKNNVGLLLGCFWVSDDERCYVGNASFTGGSIHTIKTLGVYSDYP
PLATDLRRRFDTFKAFNSAKNSAANLASAAAALPVSTAYHIKNPIGGVFFTDSPEHLLGYSRDLDTDVVIDKLKSAKTSI
DIEHLAIVPTTRVDGNSYYWPDIYNSIIEAAINRGVKIRLLVCNWDKNDVYSMATARSLDALCVQNDLSVKVFTIQNNTK
LLIVDDEYVHITSANFDGTHYQNHGFVSFNSIDKQLVSEAKKIFERDWVSSHSKSLKI
;
_entity_poly.pdbx_strand_id   A
#
loop_
_chem_comp.id
_chem_comp.type
_chem_comp.name
_chem_comp.formula
GOL non-polymer GLYCEROL 'C3 H8 O3'
#
# COMPACT_ATOMS: atom_id res chain seq x y z
N SER A 12 21.21 -15.78 14.31
CA SER A 12 21.35 -14.46 13.69
C SER A 12 20.20 -14.19 12.72
N VAL A 13 19.89 -12.91 12.52
CA VAL A 13 18.81 -12.50 11.62
C VAL A 13 19.42 -11.99 10.32
N PRO A 14 18.80 -12.26 9.17
CA PRO A 14 19.36 -11.80 7.90
C PRO A 14 19.07 -10.32 7.65
N ALA A 15 19.99 -9.69 6.93
CA ALA A 15 19.83 -8.28 6.58
C ALA A 15 18.73 -8.13 5.53
N GLY A 16 17.83 -7.18 5.77
CA GLY A 16 16.70 -6.96 4.89
C GLY A 16 15.52 -7.87 5.12
N ALA A 17 15.65 -8.87 6.00
CA ALA A 17 14.56 -9.80 6.32
C ALA A 17 14.09 -10.57 5.09
N LYS A 18 15.05 -11.00 4.26
CA LYS A 18 14.78 -11.84 3.09
C LYS A 18 13.78 -11.18 2.14
N CYS A 19 13.86 -9.86 2.02
CA CYS A 19 12.92 -9.09 1.22
C CYS A 19 13.48 -8.81 -0.17
N ARG A 20 12.63 -8.98 -1.18
CA ARG A 20 12.98 -8.66 -2.56
C ARG A 20 11.81 -7.95 -3.21
N LEU A 21 12.11 -7.12 -4.20
CA LEU A 21 11.09 -6.27 -4.79
C LEU A 21 10.17 -7.06 -5.71
N VAL A 22 8.90 -6.69 -5.72
CA VAL A 22 7.88 -7.29 -6.57
C VAL A 22 7.04 -6.18 -7.17
N GLU A 23 6.80 -6.26 -8.48
CA GLU A 23 6.05 -5.21 -9.17
C GLU A 23 5.35 -5.80 -10.38
N THR A 24 4.36 -5.05 -10.87
CA THR A 24 3.62 -5.40 -12.08
C THR A 24 4.06 -4.49 -13.20
N LEU A 25 4.59 -5.08 -14.28
CA LEU A 25 5.04 -4.32 -15.44
C LEU A 25 4.28 -4.79 -16.67
N PRO A 26 3.20 -4.11 -17.06
CA PRO A 26 2.41 -4.56 -18.20
C PRO A 26 3.22 -4.52 -19.50
N GLU A 27 2.77 -5.32 -20.46
CA GLU A 27 3.46 -5.41 -21.74
C GLU A 27 3.34 -4.11 -22.54
N ASN A 28 2.21 -3.41 -22.42
CA ASN A 28 2.01 -2.15 -23.11
C ASN A 28 2.83 -1.02 -22.53
N MET A 29 3.60 -1.27 -21.47
CA MET A 29 4.44 -0.27 -20.83
C MET A 29 5.90 -0.65 -20.98
N ASP A 30 6.77 0.34 -20.91
CA ASP A 30 8.20 0.16 -21.13
C ASP A 30 8.97 -0.20 -19.87
N PHE A 31 8.29 -0.53 -18.79
CA PHE A 31 8.97 -0.85 -17.53
C PHE A 31 9.54 -2.26 -17.61
N ARG A 32 10.85 -2.39 -17.36
CA ARG A 32 11.53 -3.66 -17.39
C ARG A 32 12.40 -3.80 -16.15
N SER A 33 12.46 -5.01 -15.59
CA SER A 33 13.29 -5.27 -14.42
C SER A 33 13.48 -6.76 -14.28
N ASP A 34 14.51 -7.13 -13.51
CA ASP A 34 14.80 -8.53 -13.22
C ASP A 34 14.15 -9.01 -11.92
N HIS A 35 13.41 -8.15 -11.24
CA HIS A 35 12.79 -8.52 -9.97
C HIS A 35 11.63 -9.48 -10.20
N LEU A 36 11.12 -10.00 -9.09
CA LEU A 36 9.96 -10.89 -9.15
C LEU A 36 8.72 -10.11 -9.56
N THR A 37 7.86 -10.74 -10.35
CA THR A 37 6.63 -10.11 -10.79
C THR A 37 5.50 -10.44 -9.82
N THR A 38 4.44 -9.64 -9.88
CA THR A 38 3.28 -9.87 -9.02
C THR A 38 2.60 -11.18 -9.36
N PHE A 39 2.56 -11.55 -10.65
CA PHE A 39 1.99 -12.82 -11.03
C PHE A 39 2.85 -13.99 -10.55
N GLU A 40 4.17 -13.86 -10.66
CA GLU A 40 5.06 -14.89 -10.14
C GLU A 40 5.00 -14.95 -8.61
N CYS A 41 4.74 -13.81 -7.96
CA CYS A 41 4.72 -13.78 -6.50
C CYS A 41 3.52 -14.53 -5.95
N PHE A 42 2.36 -14.36 -6.55
CA PHE A 42 1.15 -15.01 -6.02
C PHE A 42 1.16 -16.51 -6.29
N ASN A 43 1.85 -16.95 -7.34
CA ASN A 43 1.95 -18.39 -7.60
C ASN A 43 2.83 -19.07 -6.55
N GLU A 44 3.90 -18.40 -6.12
CA GLU A 44 4.79 -19.00 -5.14
C GLU A 44 4.12 -19.11 -3.77
N ILE A 45 3.28 -18.13 -3.42
CA ILE A 45 2.60 -18.17 -2.13
C ILE A 45 1.57 -19.29 -2.09
N ILE A 46 0.84 -19.49 -3.19
CA ILE A 46 -0.18 -20.53 -3.24
C ILE A 46 0.45 -21.91 -3.35
N THR A 47 1.54 -22.03 -4.11
CA THR A 47 2.19 -23.33 -4.29
C THR A 47 2.80 -23.82 -2.99
N LEU A 48 3.54 -22.94 -2.29
CA LEU A 48 4.19 -23.30 -1.03
C LEU A 48 3.26 -23.22 0.17
N ALA A 49 1.96 -23.03 -0.04
CA ALA A 49 1.01 -22.95 1.06
C ALA A 49 0.71 -24.34 1.61
N LYS A 50 0.69 -24.44 2.94
CA LYS A 50 0.44 -25.71 3.59
C LYS A 50 -0.64 -25.58 4.65
N LYS A 51 -0.82 -24.38 5.20
CA LYS A 51 -1.73 -24.16 6.32
C LYS A 51 -2.88 -23.23 5.96
N TYR A 52 -2.59 -22.01 5.50
CA TYR A 52 -3.64 -21.04 5.21
C TYR A 52 -3.10 -20.02 4.21
N ILE A 53 -4.03 -19.25 3.65
CA ILE A 53 -3.71 -18.11 2.79
C ILE A 53 -4.69 -17.00 3.15
N TYR A 54 -4.18 -15.90 3.69
CA TYR A 54 -5.00 -14.76 4.08
C TYR A 54 -4.71 -13.60 3.13
N ILE A 55 -5.76 -13.10 2.47
CA ILE A 55 -5.65 -12.04 1.49
C ILE A 55 -6.57 -10.90 1.91
N ALA A 56 -6.12 -9.66 1.68
CA ALA A 56 -6.90 -8.47 2.01
C ALA A 56 -6.65 -7.40 0.96
N SER A 57 -7.72 -6.69 0.59
CA SER A 57 -7.65 -5.58 -0.35
C SER A 57 -8.98 -4.84 -0.28
N PHE A 58 -9.05 -3.71 -1.00
CA PHE A 58 -10.27 -2.92 -1.04
C PHE A 58 -11.34 -3.63 -1.88
N CYS A 59 -11.08 -3.78 -3.18
CA CYS A 59 -12.00 -4.44 -4.09
C CYS A 59 -11.40 -5.76 -4.55
N CYS A 60 -12.24 -6.79 -4.63
CA CYS A 60 -11.81 -8.12 -5.04
C CYS A 60 -12.46 -8.47 -6.37
N ASN A 61 -11.63 -8.63 -7.40
CA ASN A 61 -12.10 -8.96 -8.74
C ASN A 61 -10.96 -9.52 -9.57
N PRO A 62 -10.70 -10.82 -9.49
CA PRO A 62 -9.54 -11.39 -10.20
C PRO A 62 -9.82 -11.72 -11.65
N LEU A 63 -11.09 -11.91 -12.01
CA LEU A 63 -11.48 -12.37 -13.32
C LEU A 63 -11.47 -11.28 -14.38
N SER A 64 -10.97 -10.08 -14.06
CA SER A 64 -10.98 -8.98 -15.02
C SER A 64 -9.88 -9.08 -16.06
N THR A 65 -8.82 -9.86 -15.81
CA THR A 65 -7.75 -10.06 -16.77
C THR A 65 -7.41 -11.54 -16.84
N THR A 66 -6.41 -11.87 -17.67
CA THR A 66 -6.02 -13.25 -17.85
C THR A 66 -5.18 -13.76 -16.67
N ARG A 67 -4.12 -13.02 -16.31
CA ARG A 67 -3.27 -13.45 -15.21
C ARG A 67 -4.01 -13.47 -13.88
N GLY A 68 -4.98 -12.56 -13.69
CA GLY A 68 -5.75 -12.56 -12.46
C GLY A 68 -6.63 -13.79 -12.32
N ALA A 69 -7.17 -14.28 -13.43
CA ALA A 69 -7.99 -15.48 -13.39
C ALA A 69 -7.17 -16.73 -13.12
N LEU A 70 -5.92 -16.76 -13.60
CA LEU A 70 -5.06 -17.91 -13.31
C LEU A 70 -4.67 -17.97 -11.84
N ILE A 71 -4.46 -16.80 -11.22
CA ILE A 71 -4.21 -16.77 -9.79
C ILE A 71 -5.46 -17.19 -9.02
N PHE A 72 -6.64 -16.82 -9.53
CA PHE A 72 -7.88 -17.22 -8.88
C PHE A 72 -8.14 -18.71 -9.03
N ASP A 73 -7.66 -19.31 -10.12
CA ASP A 73 -7.79 -20.77 -10.29
C ASP A 73 -6.81 -21.52 -9.40
N LYS A 74 -5.58 -21.01 -9.27
CA LYS A 74 -4.62 -21.63 -8.37
C LYS A 74 -5.09 -21.52 -6.92
N LEU A 75 -5.74 -20.41 -6.58
CA LEU A 75 -6.30 -20.26 -5.24
C LEU A 75 -7.54 -21.14 -5.07
N LYS A 76 -8.29 -21.36 -6.14
CA LYS A 76 -9.43 -22.28 -6.08
C LYS A 76 -8.96 -23.71 -5.86
N GLU A 77 -7.90 -24.13 -6.56
CA GLU A 77 -7.36 -25.47 -6.37
C GLU A 77 -6.76 -25.63 -4.97
N ALA A 78 -6.21 -24.55 -4.41
CA ALA A 78 -5.63 -24.63 -3.07
C ALA A 78 -6.71 -24.79 -2.01
N SER A 79 -7.86 -24.12 -2.19
CA SER A 79 -8.94 -24.22 -1.23
C SER A 79 -9.59 -25.60 -1.23
N GLU A 80 -9.47 -26.35 -2.32
CA GLU A 80 -10.05 -27.68 -2.43
C GLU A 80 -9.14 -28.77 -1.88
N LYS A 81 -7.94 -28.43 -1.44
CA LYS A 81 -7.01 -29.41 -0.88
C LYS A 81 -6.94 -29.35 0.64
N GLY A 82 -7.68 -28.43 1.26
CA GLY A 82 -7.66 -28.28 2.71
C GLY A 82 -7.07 -26.98 3.22
N ILE A 83 -6.62 -26.08 2.35
CA ILE A 83 -6.01 -24.83 2.79
C ILE A 83 -7.12 -23.85 3.17
N LYS A 84 -7.04 -23.30 4.38
CA LYS A 84 -8.04 -22.35 4.86
C LYS A 84 -7.82 -21.01 4.17
N ILE A 85 -8.72 -20.66 3.26
CA ILE A 85 -8.62 -19.43 2.48
C ILE A 85 -9.63 -18.43 3.03
N ILE A 86 -9.14 -17.29 3.49
CA ILE A 86 -9.99 -16.20 3.99
C ILE A 86 -9.60 -14.92 3.26
N VAL A 87 -10.56 -14.32 2.57
CA VAL A 87 -10.33 -13.11 1.79
C VAL A 87 -11.10 -11.97 2.45
N LEU A 88 -10.38 -10.89 2.79
CA LEU A 88 -10.97 -9.70 3.37
C LEU A 88 -11.11 -8.62 2.31
N LEU A 89 -12.31 -8.05 2.21
CA LEU A 89 -12.57 -6.96 1.28
C LEU A 89 -13.49 -5.95 1.97
N ASP A 90 -13.35 -4.68 1.57
CA ASP A 90 -14.22 -3.65 2.10
C ASP A 90 -15.64 -3.86 1.61
N GLU A 91 -16.61 -3.51 2.47
CA GLU A 91 -18.02 -3.73 2.15
C GLU A 91 -18.48 -2.94 0.93
N ARG A 92 -17.65 -2.04 0.40
CA ARG A 92 -17.98 -1.33 -0.83
C ARG A 92 -17.52 -2.06 -2.09
N GLY A 93 -16.76 -3.14 -1.94
CA GLY A 93 -16.44 -4.00 -3.06
C GLY A 93 -17.34 -5.22 -3.06
N LYS A 94 -18.56 -5.04 -2.55
CA LYS A 94 -19.54 -6.11 -2.37
C LYS A 94 -20.25 -6.48 -3.66
N ARG A 95 -19.98 -5.80 -4.77
CA ARG A 95 -20.67 -6.08 -6.02
C ARG A 95 -20.27 -7.45 -6.57
N ASN A 96 -18.96 -7.74 -6.58
CA ASN A 96 -18.47 -9.00 -7.10
C ASN A 96 -18.63 -10.15 -6.11
N LEU A 97 -19.18 -9.90 -4.92
CA LEU A 97 -19.25 -10.93 -3.89
C LEU A 97 -20.06 -12.13 -4.36
N GLY A 98 -21.17 -11.89 -5.06
CA GLY A 98 -21.94 -13.01 -5.59
C GLY A 98 -21.23 -13.76 -6.69
N GLU A 99 -20.29 -13.09 -7.38
CA GLU A 99 -19.51 -13.74 -8.42
C GLU A 99 -18.35 -14.55 -7.85
N LEU A 100 -17.69 -14.02 -6.81
CA LEU A 100 -16.55 -14.71 -6.22
C LEU A 100 -16.97 -15.99 -5.53
N GLN A 101 -18.06 -15.95 -4.76
CA GLN A 101 -18.50 -17.13 -4.03
C GLN A 101 -19.05 -18.20 -4.97
N SER A 102 -19.55 -17.80 -6.14
CA SER A 102 -20.08 -18.77 -7.09
C SER A 102 -18.98 -19.63 -7.70
N HIS A 103 -17.79 -19.06 -7.86
CA HIS A 103 -16.67 -19.80 -8.45
C HIS A 103 -15.82 -20.52 -7.41
N CYS A 104 -15.84 -20.06 -6.15
CA CYS A 104 -15.06 -20.67 -5.08
C CYS A 104 -15.91 -20.75 -3.83
N PRO A 105 -16.68 -21.83 -3.66
CA PRO A 105 -17.49 -21.97 -2.44
C PRO A 105 -16.67 -22.29 -1.20
N ASP A 106 -15.46 -22.85 -1.35
CA ASP A 106 -14.63 -23.20 -0.22
C ASP A 106 -13.83 -22.02 0.32
N ILE A 107 -13.72 -20.93 -0.42
CA ILE A 107 -13.02 -19.74 0.03
C ILE A 107 -13.96 -18.89 0.86
N ASN A 108 -13.52 -18.53 2.06
CA ASN A 108 -14.34 -17.75 3.00
C ASN A 108 -14.15 -16.27 2.67
N PHE A 109 -15.12 -15.70 1.95
CA PHE A 109 -15.12 -14.27 1.65
C PHE A 109 -15.80 -13.52 2.78
N ILE A 110 -15.16 -12.44 3.26
CA ILE A 110 -15.63 -11.69 4.41
C ILE A 110 -15.62 -10.20 4.06
N THR A 111 -16.77 -9.55 4.21
CA THR A 111 -16.85 -8.10 4.03
C THR A 111 -16.43 -7.40 5.32
N VAL A 112 -15.70 -6.29 5.16
CA VAL A 112 -15.09 -5.59 6.28
C VAL A 112 -15.54 -4.14 6.24
N ASN A 113 -15.96 -3.62 7.39
CA ASN A 113 -16.27 -2.20 7.57
C ASN A 113 -15.58 -1.75 8.86
N ILE A 114 -14.35 -1.27 8.72
CA ILE A 114 -13.56 -0.88 9.88
C ILE A 114 -14.13 0.35 10.59
N ASP A 115 -14.95 1.14 9.89
CA ASP A 115 -15.51 2.37 10.45
C ASP A 115 -17.02 2.34 10.25
N LYS A 116 -17.74 1.90 11.28
CA LYS A 116 -19.20 2.00 11.29
C LYS A 116 -19.69 3.20 12.10
N LYS A 117 -18.77 3.95 12.71
CA LYS A 117 -19.13 5.17 13.43
C LYS A 117 -19.44 6.31 12.46
N ASN A 118 -18.62 6.48 11.42
CA ASN A 118 -18.81 7.53 10.44
C ASN A 118 -18.85 7.02 9.00
N ASN A 119 -18.56 5.75 8.76
CA ASN A 119 -18.60 5.16 7.42
C ASN A 119 -17.66 5.90 6.46
N VAL A 120 -16.44 6.17 6.93
CA VAL A 120 -15.42 6.85 6.15
C VAL A 120 -14.18 5.99 5.97
N GLY A 121 -13.76 5.27 7.01
CA GLY A 121 -12.57 4.45 6.92
C GLY A 121 -12.81 3.26 6.01
N LEU A 122 -11.92 3.07 5.03
CA LEU A 122 -12.00 1.96 4.10
C LEU A 122 -10.85 0.99 4.33
N LEU A 123 -11.09 -0.28 4.02
CA LEU A 123 -10.07 -1.31 4.16
C LEU A 123 -9.11 -1.22 2.99
N LEU A 124 -7.95 -0.63 3.22
CA LEU A 124 -6.91 -0.51 2.20
C LEU A 124 -5.71 -1.41 2.48
N GLY A 125 -5.82 -2.29 3.48
CA GLY A 125 -4.77 -3.27 3.71
C GLY A 125 -4.59 -4.15 2.50
N CYS A 126 -3.43 -4.05 1.86
CA CYS A 126 -3.13 -4.77 0.62
C CYS A 126 -1.92 -5.66 0.86
N PHE A 127 -2.17 -6.92 1.23
CA PHE A 127 -1.08 -7.82 1.58
C PHE A 127 -1.57 -9.25 1.55
N TRP A 128 -0.64 -10.17 1.33
CA TRP A 128 -0.86 -11.60 1.46
C TRP A 128 -0.02 -12.15 2.60
N VAL A 129 -0.42 -13.32 3.10
CA VAL A 129 0.32 -14.01 4.16
C VAL A 129 -0.13 -15.46 4.17
N SER A 130 0.83 -16.37 4.38
CA SER A 130 0.57 -17.79 4.31
C SER A 130 1.52 -18.54 5.23
N ASP A 131 0.97 -19.44 6.04
CA ASP A 131 1.72 -20.35 6.90
C ASP A 131 2.61 -19.62 7.90
N ASP A 132 2.39 -18.32 8.10
CA ASP A 132 3.23 -17.50 8.97
C ASP A 132 4.69 -17.53 8.53
N GLU A 133 4.93 -17.83 7.26
CA GLU A 133 6.27 -17.93 6.71
C GLU A 133 6.49 -17.01 5.51
N ARG A 134 5.58 -17.02 4.55
CA ARG A 134 5.68 -16.19 3.36
C ARG A 134 4.60 -15.12 3.37
N CYS A 135 4.90 -13.97 2.77
CA CYS A 135 3.97 -12.86 2.76
C CYS A 135 4.36 -11.87 1.67
N TYR A 136 3.34 -11.25 1.08
CA TYR A 136 3.51 -10.15 0.15
C TYR A 136 2.82 -8.92 0.71
N VAL A 137 3.37 -7.75 0.39
CA VAL A 137 2.80 -6.48 0.82
C VAL A 137 3.17 -5.41 -0.20
N GLY A 138 2.20 -4.57 -0.55
CA GLY A 138 2.41 -3.51 -1.51
C GLY A 138 1.14 -2.78 -1.86
N ASN A 139 0.91 -2.56 -3.15
CA ASN A 139 -0.30 -1.89 -3.61
C ASN A 139 -1.03 -2.67 -4.71
N ALA A 140 -0.60 -3.90 -4.99
CA ALA A 140 -1.27 -4.77 -5.96
C ALA A 140 -2.46 -5.42 -5.28
N SER A 141 -3.61 -4.75 -5.32
CA SER A 141 -4.82 -5.28 -4.71
C SER A 141 -5.25 -6.56 -5.42
N PHE A 142 -6.18 -7.28 -4.79
CA PHE A 142 -6.71 -8.50 -5.39
C PHE A 142 -7.64 -8.16 -6.55
N THR A 143 -7.07 -7.60 -7.60
CA THR A 143 -7.81 -7.30 -8.83
C THR A 143 -7.00 -7.80 -10.02
N GLY A 144 -7.71 -8.23 -11.06
CA GLY A 144 -7.03 -8.67 -12.27
C GLY A 144 -6.17 -7.58 -12.89
N GLY A 145 -6.56 -6.32 -12.70
CA GLY A 145 -5.77 -5.22 -13.24
C GLY A 145 -4.45 -5.06 -12.51
N SER A 146 -4.49 -5.06 -11.18
CA SER A 146 -3.29 -4.92 -10.36
C SER A 146 -2.34 -6.10 -10.50
N ILE A 147 -2.77 -7.19 -11.15
CA ILE A 147 -1.88 -8.30 -11.43
C ILE A 147 -1.38 -8.27 -12.87
N HIS A 148 -2.15 -7.72 -13.81
CA HIS A 148 -1.84 -7.86 -15.23
C HIS A 148 -1.66 -6.52 -15.92
N THR A 149 -2.63 -5.60 -15.81
CA THR A 149 -2.65 -4.39 -16.60
C THR A 149 -2.30 -3.12 -15.83
N ILE A 150 -2.38 -3.14 -14.50
CA ILE A 150 -2.10 -1.97 -13.68
C ILE A 150 -0.71 -2.13 -13.08
N LYS A 151 0.15 -1.12 -13.28
CA LYS A 151 1.48 -1.14 -12.70
C LYS A 151 1.39 -1.05 -11.18
N THR A 152 2.10 -1.93 -10.48
CA THR A 152 2.11 -1.96 -9.03
C THR A 152 3.56 -2.03 -8.54
N LEU A 153 3.71 -2.14 -7.22
CA LEU A 153 5.03 -2.25 -6.60
C LEU A 153 4.84 -2.80 -5.20
N GLY A 154 5.51 -3.92 -4.91
CA GLY A 154 5.42 -4.54 -3.60
C GLY A 154 6.70 -5.23 -3.19
N VAL A 155 6.67 -5.93 -2.06
CA VAL A 155 7.83 -6.62 -1.52
C VAL A 155 7.41 -8.02 -1.07
N TYR A 156 8.23 -9.02 -1.41
CA TYR A 156 8.00 -10.40 -1.01
C TYR A 156 9.12 -10.86 -0.09
N SER A 157 8.77 -11.69 0.89
CA SER A 157 9.75 -12.20 1.84
C SER A 157 9.25 -13.51 2.42
N ASP A 158 10.12 -14.52 2.42
CA ASP A 158 9.82 -15.82 3.02
C ASP A 158 10.35 -15.92 4.45
N TYR A 159 10.41 -14.80 5.17
CA TYR A 159 10.92 -14.79 6.53
C TYR A 159 9.76 -14.97 7.50
N PRO A 160 9.73 -16.04 8.29
CA PRO A 160 8.58 -16.31 9.16
C PRO A 160 8.30 -15.20 10.16
N PRO A 161 9.31 -14.67 10.89
CA PRO A 161 8.99 -13.63 11.88
C PRO A 161 8.38 -12.37 11.27
N LEU A 162 8.75 -12.02 10.05
CA LEU A 162 8.17 -10.85 9.41
C LEU A 162 6.76 -11.13 8.89
N ALA A 163 6.50 -12.35 8.43
CA ALA A 163 5.17 -12.70 7.96
C ALA A 163 4.19 -12.86 9.11
N THR A 164 4.66 -13.36 10.26
CA THR A 164 3.79 -13.52 11.42
C THR A 164 3.33 -12.16 11.95
N ASP A 165 4.23 -11.17 11.94
CA ASP A 165 3.83 -9.84 12.37
C ASP A 165 2.83 -9.22 11.42
N LEU A 166 2.90 -9.56 10.13
CA LEU A 166 1.88 -9.12 9.18
C LEU A 166 0.57 -9.87 9.37
N ARG A 167 0.65 -11.12 9.84
CA ARG A 167 -0.57 -11.87 10.14
C ARG A 167 -1.33 -11.25 11.31
N ARG A 168 -0.61 -10.68 12.28
CA ARG A 168 -1.28 -9.99 13.38
C ARG A 168 -2.02 -8.76 12.89
N ARG A 169 -1.56 -8.14 11.79
CA ARG A 169 -2.34 -7.08 11.16
C ARG A 169 -3.62 -7.63 10.54
N PHE A 170 -3.58 -8.85 10.03
CA PHE A 170 -4.77 -9.48 9.47
C PHE A 170 -5.79 -9.82 10.56
N ASP A 171 -5.31 -10.20 11.74
CA ASP A 171 -6.23 -10.53 12.83
C ASP A 171 -6.98 -9.30 13.32
N THR A 172 -6.32 -8.15 13.34
CA THR A 172 -7.00 -6.92 13.74
C THR A 172 -8.03 -6.49 12.71
N PHE A 173 -7.76 -6.75 11.42
CA PHE A 173 -8.70 -6.37 10.37
C PHE A 173 -9.83 -7.39 10.22
N LYS A 174 -9.56 -8.67 10.46
CA LYS A 174 -10.60 -9.68 10.33
C LYS A 174 -11.71 -9.51 11.35
N ALA A 175 -11.38 -8.98 12.54
CA ALA A 175 -12.38 -8.82 13.59
C ALA A 175 -13.49 -7.86 13.17
N PHE A 176 -13.19 -6.93 12.27
CA PHE A 176 -14.19 -5.98 11.76
C PHE A 176 -14.96 -6.64 10.62
N ASN A 177 -15.97 -7.41 11.00
CA ASN A 177 -16.84 -8.09 10.05
C ASN A 177 -18.27 -7.67 10.28
N SER A 178 -19.00 -7.45 9.20
CA SER A 178 -20.41 -7.05 9.26
C SER A 178 -21.29 -8.28 9.49
N ALA A 179 -21.11 -8.91 10.65
CA ALA A 179 -21.83 -10.13 10.99
C ALA A 179 -22.02 -10.17 12.50
N LYS A 180 -23.24 -9.86 12.94
CA LYS A 180 -23.64 -9.97 14.35
C LYS A 180 -22.73 -9.09 15.20
N ASN A 181 -22.45 -9.50 16.43
CA ASN A 181 -21.62 -8.74 17.36
C ASN A 181 -20.15 -9.08 17.15
N SER A 182 -19.34 -8.06 16.90
CA SER A 182 -17.90 -8.24 16.69
C SER A 182 -17.22 -6.89 16.94
N ALA A 183 -16.02 -6.74 16.40
CA ALA A 183 -15.29 -5.48 16.56
C ALA A 183 -15.91 -4.33 15.77
N ALA A 184 -16.75 -4.63 14.79
CA ALA A 184 -17.41 -3.61 14.01
C ALA A 184 -18.76 -3.19 14.58
N ASN A 185 -19.36 -4.02 15.44
CA ASN A 185 -20.67 -3.74 16.01
C ASN A 185 -20.63 -3.39 17.49
N LEU A 186 -19.82 -4.09 18.28
CA LEU A 186 -19.74 -3.85 19.71
C LEU A 186 -18.52 -2.99 20.06
N ALA A 187 -18.68 -2.16 21.09
CA ALA A 187 -17.56 -1.40 21.64
C ALA A 187 -16.79 -2.19 22.68
N SER A 188 -17.37 -3.25 23.23
CA SER A 188 -16.69 -4.11 24.18
C SER A 188 -15.91 -5.22 23.49
N ALA A 189 -16.48 -5.82 22.44
CA ALA A 189 -15.76 -6.82 21.67
C ALA A 189 -14.62 -6.21 20.85
N ALA A 190 -14.66 -4.89 20.60
CA ALA A 190 -13.58 -4.25 19.89
C ALA A 190 -12.44 -3.85 20.83
N ALA A 191 -12.74 -3.65 22.12
CA ALA A 191 -11.70 -3.35 23.09
C ALA A 191 -10.98 -4.61 23.56
N ALA A 192 -11.61 -5.77 23.46
CA ALA A 192 -10.97 -7.05 23.78
C ALA A 192 -10.09 -7.56 22.66
N LEU A 193 -9.81 -6.75 21.64
CA LEU A 193 -8.98 -7.17 20.53
C LEU A 193 -7.51 -7.12 20.90
N PRO A 194 -6.78 -8.22 20.79
CA PRO A 194 -5.31 -8.13 20.87
C PRO A 194 -4.74 -7.39 19.68
N VAL A 195 -4.29 -6.15 19.90
CA VAL A 195 -3.67 -5.34 18.85
C VAL A 195 -2.18 -5.39 19.12
N SER A 196 -1.52 -6.42 18.59
CA SER A 196 -0.12 -6.70 18.90
C SER A 196 0.75 -6.47 17.67
N THR A 197 1.93 -5.92 17.89
CA THR A 197 2.96 -5.79 16.87
C THR A 197 4.29 -6.23 17.47
N ALA A 198 5.05 -7.02 16.71
CA ALA A 198 6.33 -7.49 17.18
C ALA A 198 7.47 -6.54 16.85
N TYR A 199 7.29 -5.66 15.86
CA TYR A 199 8.35 -4.76 15.44
C TYR A 199 7.74 -3.42 15.04
N HIS A 200 8.48 -2.34 15.33
CA HIS A 200 8.03 -0.99 15.02
C HIS A 200 9.27 -0.12 14.80
N ILE A 201 9.06 1.20 14.73
CA ILE A 201 10.17 2.11 14.43
C ILE A 201 11.20 2.13 15.56
N LYS A 202 10.81 1.73 16.77
CA LYS A 202 11.75 1.63 17.88
C LYS A 202 12.36 0.25 18.03
N ASN A 203 12.01 -0.68 17.14
CA ASN A 203 12.56 -2.04 17.17
C ASN A 203 12.36 -2.72 15.82
N PRO A 204 13.26 -2.50 14.86
CA PRO A 204 13.12 -3.16 13.57
C PRO A 204 13.67 -4.58 13.59
N ILE A 205 13.30 -5.33 12.55
CA ILE A 205 13.80 -6.70 12.36
C ILE A 205 14.48 -6.74 10.99
N GLY A 206 15.80 -6.95 11.00
CA GLY A 206 16.57 -6.89 9.77
C GLY A 206 16.47 -5.56 9.05
N GLY A 207 16.21 -4.48 9.79
CA GLY A 207 16.01 -3.18 9.18
C GLY A 207 14.65 -3.00 8.53
N VAL A 208 13.65 -3.77 8.93
CA VAL A 208 12.31 -3.71 8.35
C VAL A 208 11.30 -3.67 9.49
N PHE A 209 10.27 -2.82 9.34
CA PHE A 209 9.21 -2.74 10.32
C PHE A 209 7.94 -2.26 9.64
N PHE A 210 6.79 -2.56 10.25
CA PHE A 210 5.49 -2.20 9.72
C PHE A 210 4.92 -1.00 10.47
N THR A 211 4.38 -0.05 9.72
CA THR A 211 3.60 1.04 10.28
C THR A 211 2.13 0.82 9.93
N ASP A 212 1.24 1.29 10.80
CA ASP A 212 -0.17 0.96 10.70
C ASP A 212 -1.02 2.24 10.68
N SER A 213 -2.30 2.05 10.41
CA SER A 213 -3.28 3.12 10.26
C SER A 213 -4.68 2.50 10.29
N PRO A 214 -5.70 3.20 10.79
CA PRO A 214 -5.70 4.56 11.34
C PRO A 214 -5.22 4.62 12.79
N GLU A 215 -5.54 5.71 13.50
CA GLU A 215 -5.03 5.88 14.86
C GLU A 215 -5.88 5.11 15.88
N HIS A 216 -7.19 5.03 15.67
CA HIS A 216 -8.06 4.33 16.61
C HIS A 216 -7.97 2.82 16.50
N LEU A 217 -7.09 2.30 15.64
CA LEU A 217 -6.85 0.87 15.53
C LEU A 217 -5.42 0.49 15.89
N LEU A 218 -4.63 1.43 16.38
CA LEU A 218 -3.23 1.16 16.73
C LEU A 218 -3.11 0.46 18.09
N GLY A 219 -4.01 0.76 19.02
CA GLY A 219 -3.82 0.29 20.38
C GLY A 219 -2.83 1.18 21.10
N TYR A 220 -1.87 0.56 21.78
CA TYR A 220 -0.81 1.30 22.44
C TYR A 220 0.59 0.97 21.95
N SER A 221 0.78 -0.16 21.26
CA SER A 221 2.09 -0.60 20.82
C SER A 221 2.40 -0.21 19.38
N ARG A 222 1.43 -0.31 18.48
CA ARG A 222 1.67 -0.02 17.07
C ARG A 222 1.96 1.47 16.88
N ASP A 223 2.73 1.78 15.84
CA ASP A 223 3.08 3.15 15.50
C ASP A 223 2.19 3.64 14.36
N LEU A 224 1.80 4.90 14.45
CA LEU A 224 0.97 5.50 13.40
C LEU A 224 1.83 5.76 12.17
N ASP A 225 1.32 5.33 11.00
CA ASP A 225 2.05 5.59 9.76
C ASP A 225 2.12 7.06 9.45
N THR A 226 1.17 7.86 9.96
CA THR A 226 1.21 9.30 9.75
C THR A 226 2.39 9.93 10.47
N ASP A 227 2.63 9.55 11.73
CA ASP A 227 3.74 10.12 12.48
C ASP A 227 5.09 9.66 11.96
N VAL A 228 5.17 8.42 11.46
CA VAL A 228 6.46 7.90 10.99
C VAL A 228 6.86 8.55 9.67
N VAL A 229 5.91 8.73 8.75
CA VAL A 229 6.22 9.33 7.46
C VAL A 229 6.59 10.79 7.63
N ILE A 230 5.85 11.52 8.47
CA ILE A 230 6.14 12.94 8.68
C ILE A 230 7.52 13.11 9.33
N ASP A 231 7.86 12.23 10.28
CA ASP A 231 9.18 12.31 10.91
C ASP A 231 10.30 12.01 9.92
N LYS A 232 10.08 11.05 9.02
CA LYS A 232 11.09 10.75 8.01
C LYS A 232 11.20 11.86 6.98
N LEU A 233 10.10 12.58 6.72
CA LEU A 233 10.17 13.71 5.80
C LEU A 233 10.78 14.94 6.46
N LYS A 234 10.50 15.15 7.75
CA LYS A 234 11.12 16.26 8.48
C LYS A 234 12.60 16.00 8.77
N SER A 235 13.04 14.75 8.74
CA SER A 235 14.44 14.41 8.96
C SER A 235 15.18 14.12 7.66
N ALA A 236 14.68 14.65 6.54
CA ALA A 236 15.34 14.44 5.26
C ALA A 236 16.47 15.46 5.08
N LYS A 237 17.63 14.98 4.66
CA LYS A 237 18.81 15.83 4.51
C LYS A 237 19.26 16.01 3.07
N THR A 238 19.05 15.03 2.21
CA THR A 238 19.64 15.09 0.88
C THR A 238 18.62 14.97 -0.24
N SER A 239 17.71 13.98 -0.17
CA SER A 239 16.80 13.75 -1.28
C SER A 239 15.48 13.19 -0.76
N ILE A 240 14.41 13.52 -1.47
CA ILE A 240 13.07 12.98 -1.23
C ILE A 240 12.49 12.56 -2.57
N ASP A 241 12.25 11.27 -2.73
CA ASP A 241 11.70 10.71 -3.97
C ASP A 241 10.37 10.04 -3.64
N ILE A 242 9.30 10.54 -4.27
CA ILE A 242 7.94 10.05 -4.00
C ILE A 242 7.27 9.72 -5.34
N GLU A 243 6.67 8.53 -5.40
CA GLU A 243 5.87 8.09 -6.56
C GLU A 243 4.53 7.62 -6.00
N HIS A 244 3.56 8.53 -5.94
CA HIS A 244 2.24 8.24 -5.40
C HIS A 244 1.17 8.70 -6.39
N LEU A 245 -0.09 8.57 -5.98
CA LEU A 245 -1.20 8.97 -6.83
C LEU A 245 -1.26 10.48 -6.97
N ALA A 246 -1.34 11.19 -5.85
CA ALA A 246 -1.36 12.65 -5.84
C ALA A 246 -1.02 13.14 -4.45
N ILE A 247 -0.45 14.35 -4.38
CA ILE A 247 -0.07 14.95 -3.10
C ILE A 247 -0.87 16.25 -2.93
N VAL A 248 -2.06 16.30 -3.51
CA VAL A 248 -2.92 17.47 -3.33
C VAL A 248 -3.39 17.54 -1.87
N PRO A 249 -3.19 18.67 -1.18
CA PRO A 249 -3.52 18.72 0.25
C PRO A 249 -5.02 18.73 0.55
N THR A 250 -5.88 18.75 -0.46
CA THR A 250 -7.32 18.81 -0.28
C THR A 250 -7.98 17.61 -0.92
N THR A 251 -8.78 16.89 -0.14
CA THR A 251 -9.56 15.76 -0.62
C THR A 251 -11.04 16.08 -0.48
N ARG A 252 -11.87 15.29 -1.16
CA ARG A 252 -13.32 15.49 -1.18
C ARG A 252 -14.00 14.25 -0.62
N VAL A 253 -14.39 14.31 0.65
CA VAL A 253 -15.14 13.24 1.29
C VAL A 253 -16.63 13.57 1.19
N ASP A 254 -17.40 12.64 0.62
CA ASP A 254 -18.84 12.83 0.35
C ASP A 254 -18.95 14.03 -0.59
N GLY A 255 -19.73 15.05 -0.25
CA GLY A 255 -19.85 16.22 -1.10
C GLY A 255 -19.21 17.45 -0.50
N ASN A 256 -18.30 17.24 0.46
CA ASN A 256 -17.63 18.33 1.16
C ASN A 256 -16.12 18.13 1.05
N SER A 257 -15.41 19.23 0.81
CA SER A 257 -13.96 19.18 0.67
C SER A 257 -13.29 19.14 2.04
N TYR A 258 -12.20 18.37 2.14
CA TYR A 258 -11.44 18.22 3.37
C TYR A 258 -10.01 18.67 3.12
N TYR A 259 -9.51 19.54 4.00
CA TYR A 259 -8.18 20.13 3.88
C TYR A 259 -7.23 19.48 4.88
N TRP A 260 -6.07 19.05 4.39
CA TRP A 260 -5.10 18.36 5.22
C TRP A 260 -3.71 18.46 4.58
N PRO A 261 -2.89 19.45 4.97
CA PRO A 261 -1.62 19.65 4.29
C PRO A 261 -0.41 19.17 5.07
N ASP A 262 -0.61 18.23 6.00
CA ASP A 262 0.49 17.79 6.87
C ASP A 262 1.63 17.22 6.04
N ILE A 263 1.33 16.28 5.14
CA ILE A 263 2.36 15.77 4.24
C ILE A 263 2.73 16.83 3.21
N TYR A 264 1.76 17.65 2.80
CA TYR A 264 2.03 18.68 1.80
C TYR A 264 2.98 19.75 2.33
N ASN A 265 3.02 19.95 3.64
CA ASN A 265 3.88 20.97 4.23
C ASN A 265 5.26 20.44 4.62
N SER A 266 5.33 19.20 5.11
CA SER A 266 6.61 18.64 5.52
C SER A 266 7.54 18.46 4.32
N ILE A 267 6.98 18.32 3.12
CA ILE A 267 7.80 18.21 1.92
C ILE A 267 8.30 19.59 1.49
N ILE A 268 7.42 20.60 1.52
CA ILE A 268 7.84 21.96 1.18
C ILE A 268 8.84 22.48 2.19
N GLU A 269 8.68 22.10 3.46
CA GLU A 269 9.66 22.47 4.48
C GLU A 269 11.04 21.90 4.19
N ALA A 270 11.12 20.82 3.42
CA ALA A 270 12.42 20.24 3.08
C ALA A 270 13.04 20.93 1.88
N ALA A 271 12.23 21.34 0.90
CA ALA A 271 12.77 21.91 -0.32
C ALA A 271 13.19 23.37 -0.14
N ILE A 272 12.43 24.13 0.64
CA ILE A 272 12.68 25.56 0.81
C ILE A 272 13.66 25.79 1.96
N ASN A 273 13.31 25.27 3.14
CA ASN A 273 14.11 25.55 4.33
C ASN A 273 15.40 24.73 4.35
N ARG A 274 15.34 23.47 3.93
CA ARG A 274 16.49 22.58 4.00
C ARG A 274 17.12 22.31 2.64
N GLY A 275 16.56 22.86 1.56
CA GLY A 275 17.17 22.71 0.24
C GLY A 275 17.29 21.27 -0.23
N VAL A 276 16.30 20.44 0.07
CA VAL A 276 16.35 19.03 -0.29
C VAL A 276 15.94 18.87 -1.76
N LYS A 277 16.77 18.16 -2.52
CA LYS A 277 16.43 17.85 -3.91
C LYS A 277 15.29 16.84 -3.93
N ILE A 278 14.09 17.29 -4.29
CA ILE A 278 12.88 16.48 -4.23
C ILE A 278 12.38 16.26 -5.66
N ARG A 279 12.02 15.02 -5.97
CA ARG A 279 11.45 14.65 -7.26
C ARG A 279 10.13 13.95 -7.01
N LEU A 280 9.05 14.48 -7.58
CA LEU A 280 7.71 13.96 -7.38
C LEU A 280 7.15 13.43 -8.68
N LEU A 281 6.54 12.24 -8.61
CA LEU A 281 5.94 11.57 -9.78
C LEU A 281 4.51 11.19 -9.40
N VAL A 282 3.56 12.06 -9.72
CA VAL A 282 2.15 11.81 -9.44
C VAL A 282 1.39 11.68 -10.76
N CYS A 283 0.11 11.35 -10.68
CA CYS A 283 -0.71 11.24 -11.87
C CYS A 283 -1.11 12.61 -12.39
N ASN A 284 -1.66 12.63 -13.60
CA ASN A 284 -2.25 13.85 -14.11
C ASN A 284 -3.55 14.14 -13.35
N TRP A 285 -4.04 15.37 -13.50
CA TRP A 285 -5.18 15.83 -12.73
C TRP A 285 -6.26 16.36 -13.65
N ASP A 286 -7.48 16.38 -13.15
CA ASP A 286 -8.62 16.88 -13.91
C ASP A 286 -8.52 18.39 -14.04
N LYS A 287 -8.69 18.90 -15.27
CA LYS A 287 -8.68 20.33 -15.50
C LYS A 287 -9.86 21.03 -14.85
N ASN A 288 -10.95 20.30 -14.57
CA ASN A 288 -12.10 20.87 -13.90
C ASN A 288 -11.95 20.95 -12.39
N ASP A 289 -10.89 20.34 -11.84
CA ASP A 289 -10.66 20.36 -10.39
C ASP A 289 -9.80 21.58 -10.06
N VAL A 290 -10.40 22.56 -9.37
CA VAL A 290 -9.67 23.77 -9.01
C VAL A 290 -8.65 23.51 -7.91
N TYR A 291 -8.87 22.47 -7.08
CA TYR A 291 -7.91 22.15 -6.03
C TYR A 291 -6.64 21.53 -6.60
N SER A 292 -6.75 20.81 -7.71
CA SER A 292 -5.58 20.21 -8.33
C SER A 292 -4.82 21.20 -9.22
N MET A 293 -5.54 22.12 -9.86
CA MET A 293 -4.89 23.13 -10.68
C MET A 293 -4.11 24.12 -9.82
N ALA A 294 -4.70 24.55 -8.70
CA ALA A 294 -4.00 25.45 -7.79
C ALA A 294 -2.81 24.76 -7.13
N THR A 295 -2.96 23.46 -6.82
CA THR A 295 -1.84 22.73 -6.25
C THR A 295 -0.73 22.54 -7.28
N ALA A 296 -1.09 22.30 -8.54
CA ALA A 296 -0.08 22.12 -9.58
C ALA A 296 0.66 23.44 -9.85
N ARG A 297 -0.07 24.54 -9.96
CA ARG A 297 0.58 25.83 -10.19
C ARG A 297 1.42 26.26 -8.99
N SER A 298 1.03 25.82 -7.78
CA SER A 298 1.85 26.10 -6.61
C SER A 298 3.18 25.34 -6.68
N LEU A 299 3.13 24.09 -7.14
CA LEU A 299 4.36 23.32 -7.33
C LEU A 299 5.16 23.79 -8.54
N ASP A 300 4.51 24.42 -9.51
CA ASP A 300 5.22 24.89 -10.69
C ASP A 300 6.15 26.05 -10.33
N ALA A 301 5.73 26.92 -9.41
CA ALA A 301 6.57 28.04 -9.00
C ALA A 301 7.69 27.60 -8.07
N LEU A 302 7.59 26.43 -7.46
CA LEU A 302 8.63 25.90 -6.59
C LEU A 302 9.73 25.18 -7.36
N CYS A 303 9.40 24.55 -8.49
CA CYS A 303 10.43 23.88 -9.29
C CYS A 303 11.41 24.87 -9.89
N VAL A 304 10.93 26.08 -10.22
CA VAL A 304 11.82 27.08 -10.81
C VAL A 304 12.56 27.90 -9.77
N GLN A 305 12.13 27.85 -8.51
CA GLN A 305 12.76 28.63 -7.45
C GLN A 305 13.62 27.80 -6.52
N ASN A 306 13.32 26.52 -6.36
CA ASN A 306 14.12 25.62 -5.55
C ASN A 306 14.49 24.39 -6.38
N ASP A 307 15.21 23.46 -5.75
CA ASP A 307 15.62 22.23 -6.43
C ASP A 307 14.48 21.22 -6.29
N LEU A 308 13.46 21.39 -7.12
CA LEU A 308 12.30 20.54 -7.14
C LEU A 308 11.96 20.20 -8.59
N SER A 309 11.50 18.97 -8.82
CA SER A 309 11.12 18.52 -10.15
C SER A 309 9.88 17.65 -10.05
N VAL A 310 8.92 17.88 -10.96
CA VAL A 310 7.64 17.19 -10.96
C VAL A 310 7.38 16.65 -12.36
N LYS A 311 6.96 15.38 -12.43
CA LYS A 311 6.53 14.77 -13.68
C LYS A 311 5.22 14.02 -13.45
N VAL A 312 4.41 13.95 -14.50
CA VAL A 312 3.08 13.36 -14.40
C VAL A 312 3.00 12.17 -15.37
N PHE A 313 2.02 11.31 -15.10
CA PHE A 313 1.76 10.16 -15.96
C PHE A 313 0.26 9.89 -15.98
N THR A 314 -0.20 9.24 -17.05
CA THR A 314 -1.62 8.99 -17.27
C THR A 314 -1.97 7.51 -17.22
N ILE A 315 -0.99 6.62 -17.06
CA ILE A 315 -1.27 5.19 -17.04
C ILE A 315 -1.87 4.79 -15.70
N GLN A 316 -2.51 3.62 -15.69
CA GLN A 316 -3.05 3.05 -14.45
C GLN A 316 -1.90 2.51 -13.61
N ASN A 317 -1.58 3.21 -12.52
CA ASN A 317 -0.46 2.85 -11.66
C ASN A 317 -0.86 3.07 -10.22
N ASN A 318 -0.81 2.01 -9.41
CA ASN A 318 -1.13 2.07 -7.99
C ASN A 318 0.11 2.24 -7.12
N THR A 319 1.27 2.49 -7.73
CA THR A 319 2.53 2.54 -6.97
C THR A 319 2.49 3.66 -5.95
N LYS A 320 2.84 3.31 -4.71
CA LYS A 320 2.92 4.27 -3.59
C LYS A 320 4.31 4.09 -2.97
N LEU A 321 5.27 4.88 -3.45
CA LEU A 321 6.67 4.74 -3.06
C LEU A 321 7.18 6.04 -2.44
N LEU A 322 8.05 5.89 -1.44
CA LEU A 322 8.69 7.03 -0.78
C LEU A 322 10.11 6.63 -0.42
N ILE A 323 11.09 7.40 -0.91
CA ILE A 323 12.50 7.16 -0.64
C ILE A 323 13.11 8.46 -0.10
N VAL A 324 13.85 8.36 1.00
CA VAL A 324 14.41 9.51 1.68
C VAL A 324 15.91 9.28 1.86
N ASP A 325 16.73 10.14 1.26
CA ASP A 325 18.17 10.16 1.45
C ASP A 325 18.86 8.85 1.07
N ASP A 326 18.20 8.03 0.24
CA ASP A 326 18.72 6.72 -0.17
C ASP A 326 19.02 5.84 1.04
N GLU A 327 18.37 6.12 2.17
CA GLU A 327 18.57 5.38 3.40
C GLU A 327 17.30 4.78 3.97
N TYR A 328 16.15 5.37 3.66
CA TYR A 328 14.86 4.88 4.12
C TYR A 328 13.90 4.78 2.94
N VAL A 329 13.18 3.66 2.87
CA VAL A 329 12.21 3.42 1.82
C VAL A 329 10.84 3.19 2.46
N HIS A 330 9.79 3.62 1.76
CA HIS A 330 8.42 3.50 2.25
C HIS A 330 7.51 3.11 1.10
N ILE A 331 7.07 1.86 1.08
CA ILE A 331 6.11 1.36 0.11
C ILE A 331 4.81 1.05 0.83
N THR A 332 3.69 1.48 0.26
CA THR A 332 2.39 1.26 0.87
C THR A 332 1.34 1.13 -0.23
N SER A 333 0.08 1.04 0.17
CA SER A 333 -1.04 1.02 -0.76
C SER A 333 -1.88 2.28 -0.72
N ALA A 334 -1.88 3.00 0.40
CA ALA A 334 -2.62 4.25 0.51
C ALA A 334 -1.80 5.40 -0.05
N ASN A 335 -2.50 6.44 -0.49
CA ASN A 335 -1.88 7.62 -1.05
C ASN A 335 -1.70 8.70 0.01
N PHE A 336 -0.64 9.49 -0.14
CA PHE A 336 -0.35 10.60 0.76
C PHE A 336 -1.43 11.66 0.60
N ASP A 337 -2.39 11.68 1.52
CA ASP A 337 -3.44 12.68 1.54
C ASP A 337 -4.13 12.62 2.90
N GLY A 338 -5.20 13.39 3.06
CA GLY A 338 -5.90 13.46 4.32
C GLY A 338 -6.86 12.31 4.57
N THR A 339 -7.62 11.94 3.54
CA THR A 339 -8.63 10.89 3.71
C THR A 339 -7.99 9.55 4.04
N HIS A 340 -6.82 9.27 3.46
CA HIS A 340 -6.19 7.96 3.64
C HIS A 340 -5.56 7.82 5.02
N TYR A 341 -4.69 8.75 5.39
CA TYR A 341 -3.92 8.62 6.63
C TYR A 341 -4.70 9.01 7.88
N GLN A 342 -5.93 9.48 7.75
CA GLN A 342 -6.76 9.81 8.90
C GLN A 342 -7.81 8.76 9.21
N ASN A 343 -8.34 8.10 8.20
CA ASN A 343 -9.45 7.16 8.39
C ASN A 343 -9.18 5.77 7.84
N HIS A 344 -8.56 5.66 6.67
CA HIS A 344 -8.38 4.37 6.02
C HIS A 344 -7.43 3.47 6.80
N GLY A 345 -7.73 2.18 6.77
CA GLY A 345 -6.92 1.18 7.47
C GLY A 345 -6.06 0.41 6.49
N PHE A 346 -4.77 0.35 6.77
CA PHE A 346 -3.81 -0.29 5.90
C PHE A 346 -2.52 -0.54 6.68
N VAL A 347 -1.64 -1.33 6.07
CA VAL A 347 -0.31 -1.60 6.61
C VAL A 347 0.72 -1.15 5.58
N SER A 348 1.78 -0.50 6.05
CA SER A 348 2.80 0.05 5.19
C SER A 348 4.13 -0.63 5.42
N PHE A 349 4.92 -0.72 4.36
CA PHE A 349 6.25 -1.33 4.41
C PHE A 349 7.30 -0.26 4.64
N ASN A 350 8.11 -0.45 5.68
CA ASN A 350 9.17 0.48 6.02
C ASN A 350 10.47 -0.29 6.19
N SER A 351 11.53 0.17 5.52
CA SER A 351 12.81 -0.53 5.58
C SER A 351 13.94 0.49 5.47
N ILE A 352 15.03 0.23 6.18
CA ILE A 352 16.23 1.04 6.13
C ILE A 352 17.43 0.26 5.62
N ASP A 353 17.20 -0.94 5.09
CA ASP A 353 18.27 -1.75 4.53
C ASP A 353 18.85 -1.08 3.29
N LYS A 354 20.14 -0.76 3.33
CA LYS A 354 20.76 -0.02 2.23
C LYS A 354 20.67 -0.78 0.92
N GLN A 355 20.83 -2.10 0.95
CA GLN A 355 20.75 -2.88 -0.28
C GLN A 355 19.32 -2.92 -0.82
N LEU A 356 18.32 -2.95 0.08
CA LEU A 356 16.94 -2.96 -0.36
C LEU A 356 16.49 -1.57 -0.82
N VAL A 357 16.98 -0.51 -0.18
CA VAL A 357 16.67 0.84 -0.63
C VAL A 357 17.35 1.13 -1.96
N SER A 358 18.56 0.59 -2.17
CA SER A 358 19.25 0.81 -3.44
C SER A 358 18.46 0.20 -4.60
N GLU A 359 17.87 -0.98 -4.40
CA GLU A 359 17.01 -1.55 -5.43
C GLU A 359 15.74 -0.73 -5.63
N ALA A 360 15.25 -0.10 -4.56
CA ALA A 360 14.08 0.77 -4.69
C ALA A 360 14.44 2.06 -5.39
N LYS A 361 15.63 2.61 -5.12
CA LYS A 361 16.09 3.78 -5.86
C LYS A 361 16.27 3.46 -7.33
N LYS A 362 16.69 2.24 -7.65
CA LYS A 362 16.79 1.83 -9.05
C LYS A 362 15.43 1.83 -9.74
N ILE A 363 14.36 1.52 -9.00
CA ILE A 363 13.03 1.51 -9.60
C ILE A 363 12.53 2.93 -9.82
N PHE A 364 12.81 3.84 -8.88
CA PHE A 364 12.34 5.21 -9.02
C PHE A 364 13.04 5.92 -10.17
N GLU A 365 14.34 5.69 -10.34
CA GLU A 365 15.05 6.28 -11.47
C GLU A 365 14.52 5.75 -12.80
N ARG A 366 14.05 4.50 -12.82
CA ARG A 366 13.47 3.94 -14.04
C ARG A 366 12.15 4.64 -14.39
N ASP A 367 11.29 4.82 -13.39
CA ASP A 367 10.00 5.46 -13.61
C ASP A 367 10.10 6.97 -13.80
N TRP A 368 11.20 7.59 -13.34
CA TRP A 368 11.34 9.04 -13.47
C TRP A 368 11.64 9.44 -14.90
N VAL A 369 12.50 8.67 -15.58
CA VAL A 369 12.88 8.98 -16.96
C VAL A 369 12.10 8.14 -17.96
N SER A 370 11.04 7.45 -17.52
CA SER A 370 10.25 6.64 -18.42
C SER A 370 9.48 7.52 -19.40
N SER A 371 9.07 6.92 -20.52
CA SER A 371 8.32 7.65 -21.53
C SER A 371 6.95 8.06 -21.02
N HIS A 372 6.37 7.30 -20.09
CA HIS A 372 5.08 7.65 -19.52
C HIS A 372 5.14 8.83 -18.57
N SER A 373 6.33 9.24 -18.16
CA SER A 373 6.51 10.34 -17.21
C SER A 373 6.87 11.60 -17.98
N LYS A 374 5.85 12.33 -18.41
CA LYS A 374 6.06 13.62 -19.07
C LYS A 374 6.29 14.71 -18.02
N SER A 375 7.07 15.71 -18.42
CA SER A 375 7.40 16.80 -17.51
C SER A 375 6.15 17.63 -17.18
N LEU A 376 6.20 18.28 -16.03
CA LEU A 376 5.08 19.11 -15.59
C LEU A 376 4.95 20.34 -16.48
N LYS A 377 3.83 20.45 -17.17
CA LYS A 377 3.54 21.58 -18.05
C LYS A 377 2.22 22.20 -17.65
N ILE A 378 2.21 23.52 -17.46
CA ILE A 378 1.01 24.24 -17.10
C ILE A 378 0.82 25.45 -18.01
C1 GOL B . -8.38 2.59 -3.81
O1 GOL B . -8.61 1.67 -4.86
C2 GOL B . -9.40 3.70 -3.91
O2 GOL B . -9.15 4.63 -2.88
C3 GOL B . -10.81 3.14 -3.81
O3 GOL B . -11.72 4.21 -3.91
#